data_7T5E
#
_entry.id   7T5E
#
_cell.length_a   68.296
_cell.length_b   42.269
_cell.length_c   70.413
_cell.angle_alpha   90.000
_cell.angle_beta   98.470
_cell.angle_gamma   90.000
#
_symmetry.space_group_name_H-M   'P 1 21 1'
#
loop_
_entity.id
_entity.type
_entity.pdbx_description
1 polymer 'Lytic polysaccharide monooxygenase'
2 branched alpha-D-mannopyranose-(1-4)-2-acetamido-2-deoxy-beta-D-glucopyranose-(1-4)-2-acetamido-2-deoxy-beta-D-glucopyranose
3 non-polymer 'COPPER (II) ION'
4 water water
#
_entity_poly.entity_id   1
_entity_poly.type   'polypeptide(L)'
_entity_poly.pdbx_seq_one_letter_code
;HTIFSSLEVNGVNQGLGEGVRVPTYNGPIEDVTSASIACNGSPNTVASTSKVITVQAGTNVTAIWRYMLSTTGDSPADVM
DSSHKGPTIAYLKKVDNAATASGVGNGWFKIQQDGMDSSGVWGTERVINGKGRHSIKIPECIAPGQYLLRAEMIALHAAS
NYPGAQFYMECAQLNVVGGTGAKTPSTVSFPGAYSGSDPGVKISIYWPPVTSYTVPGPSVFTC
;
_entity_poly.pdbx_strand_id   A,B
#
# COMPACT_ATOMS: atom_id res chain seq x y z
N HIS A 1 2.37 -1.47 7.43
CA HIS A 1 3.48 -1.64 6.49
C HIS A 1 4.61 -2.32 7.23
N THR A 2 5.01 -3.48 6.74
CA THR A 2 5.95 -4.33 7.46
C THR A 2 6.37 -5.46 6.52
N ILE A 3 7.52 -6.06 6.83
CA ILE A 3 8.08 -7.20 6.06
C ILE A 3 8.64 -8.24 7.03
N PHE A 4 8.27 -9.48 6.79
CA PHE A 4 8.93 -10.64 7.39
C PHE A 4 10.18 -10.88 6.59
N SER A 5 11.32 -10.51 7.15
CA SER A 5 12.51 -10.42 6.30
C SER A 5 13.67 -11.32 6.74
N SER A 6 13.58 -12.02 7.85
CA SER A 6 14.60 -12.98 8.22
C SER A 6 13.97 -13.96 9.22
N LEU A 7 14.61 -15.09 9.35
CA LEU A 7 14.12 -16.15 10.21
C LEU A 7 15.18 -16.48 11.25
N GLU A 8 14.77 -16.67 12.49
CA GLU A 8 15.68 -17.10 13.54
C GLU A 8 15.39 -18.55 13.87
N VAL A 9 16.45 -19.36 13.94
CA VAL A 9 16.33 -20.78 14.24
C VAL A 9 17.41 -21.09 15.26
N ASN A 10 17.00 -21.61 16.41
CA ASN A 10 17.90 -21.93 17.50
C ASN A 10 18.78 -20.76 17.93
N GLY A 11 18.16 -19.62 18.15
CA GLY A 11 18.84 -18.44 18.62
C GLY A 11 19.66 -17.67 17.59
N VAL A 12 19.73 -18.16 16.35
CA VAL A 12 20.64 -17.62 15.34
C VAL A 12 19.80 -17.07 14.17
N ASN A 13 19.96 -15.78 13.87
CA ASN A 13 19.36 -15.20 12.66
C ASN A 13 20.08 -15.72 11.43
N GLN A 14 19.28 -16.24 10.50
CA GLN A 14 19.79 -16.83 9.28
C GLN A 14 20.16 -15.84 8.21
N GLY A 15 19.89 -14.55 8.40
CA GLY A 15 20.32 -13.56 7.44
C GLY A 15 19.16 -12.90 6.73
N LEU A 16 19.34 -11.62 6.42
CA LEU A 16 18.32 -10.84 5.71
C LEU A 16 18.04 -11.42 4.33
N GLY A 17 16.79 -11.77 4.09
CA GLY A 17 16.39 -12.36 2.82
C GLY A 17 16.94 -13.72 2.50
N GLU A 18 17.49 -14.43 3.49
CA GLU A 18 18.14 -15.73 3.30
C GLU A 18 17.13 -16.81 3.65
N GLY A 19 16.57 -17.46 2.64
CA GLY A 19 15.54 -18.46 2.84
C GLY A 19 14.15 -17.88 3.05
N VAL A 20 14.02 -16.56 3.01
CA VAL A 20 12.76 -15.83 3.05
C VAL A 20 12.66 -15.04 1.76
N ARG A 21 11.57 -15.24 1.01
CA ARG A 21 11.36 -14.56 -0.27
C ARG A 21 10.83 -13.15 0.03
N VAL A 22 11.65 -12.13 -0.06
CA VAL A 22 11.24 -10.83 0.45
C VAL A 22 10.88 -9.88 -0.68
N PRO A 23 9.82 -9.08 -0.53
CA PRO A 23 9.63 -7.93 -1.41
C PRO A 23 10.50 -6.74 -0.98
N THR A 24 10.66 -5.82 -1.91
CA THR A 24 11.37 -4.58 -1.55
C THR A 24 10.46 -3.59 -0.89
N TYR A 25 9.20 -3.62 -1.26
CA TYR A 25 8.21 -2.69 -0.79
CA TYR A 25 8.22 -2.68 -0.77
C TYR A 25 7.39 -3.32 0.32
N ASN A 26 7.10 -2.54 1.35
CA ASN A 26 6.44 -3.06 2.54
C ASN A 26 4.92 -2.88 2.51
N GLY A 27 4.35 -2.64 1.34
CA GLY A 27 2.91 -2.41 1.22
C GLY A 27 2.10 -3.69 1.28
N PRO A 28 0.85 -3.58 1.67
CA PRO A 28 0.00 -4.78 1.84
C PRO A 28 -0.59 -5.31 0.55
N ILE A 29 -0.99 -6.58 0.63
CA ILE A 29 -1.92 -7.18 -0.32
C ILE A 29 -3.33 -6.94 0.22
N GLU A 30 -4.23 -6.58 -0.68
CA GLU A 30 -5.59 -6.23 -0.30
C GLU A 30 -6.65 -7.12 -0.92
N ASP A 31 -6.32 -7.85 -1.96
CA ASP A 31 -7.29 -8.66 -2.71
C ASP A 31 -7.10 -10.12 -2.33
N VAL A 32 -8.03 -10.66 -1.54
CA VAL A 32 -7.92 -12.07 -1.11
C VAL A 32 -8.10 -13.07 -2.24
N THR A 33 -8.50 -12.66 -3.45
CA THR A 33 -8.62 -13.58 -4.58
C THR A 33 -7.37 -13.59 -5.46
N SER A 34 -6.41 -12.75 -5.19
CA SER A 34 -5.21 -12.67 -5.98
C SER A 34 -4.26 -13.81 -5.65
N ALA A 35 -3.56 -14.33 -6.66
CA ALA A 35 -2.47 -15.29 -6.41
C ALA A 35 -1.42 -14.73 -5.46
N SER A 36 -1.35 -13.39 -5.33
CA SER A 36 -0.40 -12.78 -4.42
C SER A 36 -0.71 -12.98 -2.94
N ILE A 37 -1.91 -13.41 -2.57
CA ILE A 37 -2.21 -13.65 -1.17
C ILE A 37 -1.40 -14.82 -0.61
N ALA A 38 -0.88 -15.73 -1.46
CA ALA A 38 -0.12 -16.89 -0.95
C ALA A 38 1.23 -16.50 -0.35
N CYS A 39 2.14 -15.95 -1.17
CA CYS A 39 3.50 -15.63 -0.78
C CYS A 39 3.90 -14.22 -1.19
N ASN A 40 2.92 -13.33 -1.20
CA ASN A 40 3.09 -11.95 -1.70
C ASN A 40 3.30 -11.97 -3.20
N GLY A 41 3.44 -10.81 -3.80
CA GLY A 41 3.56 -10.76 -5.25
C GLY A 41 2.93 -9.49 -5.78
N SER A 42 2.58 -9.51 -7.05
CA SER A 42 2.11 -8.33 -7.76
C SER A 42 0.96 -7.68 -6.98
N PRO A 43 0.94 -6.33 -6.85
CA PRO A 43 1.75 -5.30 -7.48
C PRO A 43 3.16 -5.09 -6.85
N ASN A 44 3.49 -5.84 -5.79
CA ASN A 44 4.84 -5.92 -5.22
CA ASN A 44 4.85 -5.87 -5.29
C ASN A 44 5.73 -6.80 -6.13
N THR A 45 7.05 -6.69 -5.94
CA THR A 45 8.03 -7.58 -6.56
CA THR A 45 8.03 -7.59 -6.56
C THR A 45 8.73 -8.37 -5.45
N VAL A 46 8.84 -9.66 -5.64
CA VAL A 46 9.37 -10.53 -4.59
C VAL A 46 10.65 -11.14 -5.11
N ALA A 47 11.68 -11.12 -4.27
CA ALA A 47 12.97 -11.69 -4.62
C ALA A 47 12.98 -13.20 -4.39
N SER A 48 13.76 -13.90 -5.19
CA SER A 48 13.98 -15.33 -4.99
C SER A 48 15.22 -15.53 -4.09
N THR A 49 15.35 -16.74 -3.58
CA THR A 49 16.49 -17.10 -2.73
C THR A 49 16.68 -18.61 -2.86
N SER A 50 17.93 -19.04 -2.98
CA SER A 50 18.17 -20.47 -3.12
C SER A 50 18.43 -21.15 -1.79
N LYS A 51 18.44 -20.39 -0.69
CA LYS A 51 18.68 -20.96 0.61
C LYS A 51 17.44 -21.70 1.13
N VAL A 52 17.64 -22.95 1.58
CA VAL A 52 16.61 -23.72 2.28
C VAL A 52 17.08 -24.01 3.70
N ILE A 53 16.29 -23.60 4.68
CA ILE A 53 16.74 -23.63 6.06
C ILE A 53 16.31 -24.93 6.71
N THR A 54 17.26 -25.65 7.33
CA THR A 54 16.92 -26.90 7.99
C THR A 54 16.43 -26.63 9.41
N VAL A 55 15.35 -27.29 9.77
CA VAL A 55 14.65 -27.09 11.04
CA VAL A 55 14.76 -27.11 11.10
C VAL A 55 14.26 -28.45 11.59
N GLN A 56 14.41 -28.66 12.89
CA GLN A 56 14.01 -29.89 13.57
C GLN A 56 12.51 -29.84 13.88
N ALA A 57 11.74 -30.84 13.44
CA ALA A 57 10.32 -30.94 13.83
C ALA A 57 10.14 -30.88 15.34
N GLY A 58 9.11 -30.14 15.79
CA GLY A 58 8.84 -30.00 17.20
C GLY A 58 9.49 -28.80 17.85
N THR A 59 10.29 -28.06 17.12
CA THR A 59 10.95 -26.88 17.67
C THR A 59 10.35 -25.65 17.01
N ASN A 60 10.75 -24.48 17.50
CA ASN A 60 10.19 -23.21 17.06
C ASN A 60 11.14 -22.53 16.11
N VAL A 61 10.56 -21.86 15.13
CA VAL A 61 11.26 -20.84 14.38
C VAL A 61 10.66 -19.50 14.79
N THR A 62 11.41 -18.47 14.55
CA THR A 62 10.93 -17.13 14.84
C THR A 62 11.00 -16.28 13.58
N ALA A 63 9.84 -15.85 13.11
CA ALA A 63 9.78 -14.85 12.05
C ALA A 63 10.10 -13.46 12.66
N ILE A 64 10.96 -12.72 11.99
CA ILE A 64 11.43 -11.41 12.43
C ILE A 64 10.86 -10.38 11.48
N TRP A 65 9.98 -9.55 12.00
CA TRP A 65 9.26 -8.55 11.23
C TRP A 65 9.94 -7.19 11.42
N ARG A 66 10.14 -6.47 10.30
CA ARG A 66 10.77 -5.15 10.25
C ARG A 66 10.00 -4.23 9.33
N TYR A 67 10.06 -2.93 9.62
CA TYR A 67 9.31 -1.96 8.83
C TYR A 67 9.77 -1.97 7.38
N MET A 68 11.09 -2.00 7.14
CA MET A 68 11.69 -2.00 5.82
C MET A 68 12.87 -2.97 5.78
N LEU A 69 13.38 -3.27 4.58
CA LEU A 69 14.56 -4.14 4.51
C LEU A 69 15.78 -3.46 5.09
N SER A 70 15.85 -2.14 5.00
CA SER A 70 17.01 -1.42 5.50
C SER A 70 16.97 -1.23 7.01
N THR A 71 15.83 -1.51 7.67
CA THR A 71 15.67 -1.22 9.08
C THR A 71 16.66 -2.03 9.91
N THR A 72 17.31 -1.38 10.88
CA THR A 72 18.30 -2.06 11.73
C THR A 72 17.88 -2.13 13.18
N GLY A 73 16.90 -1.35 13.57
CA GLY A 73 16.45 -1.34 14.94
C GLY A 73 15.31 -2.29 15.15
N ASP A 74 14.89 -2.38 16.42
CA ASP A 74 13.89 -3.35 16.83
C ASP A 74 12.85 -2.74 17.76
N SER A 75 12.78 -1.41 17.83
CA SER A 75 11.73 -0.76 18.57
C SER A 75 10.40 -0.87 17.82
N PRO A 76 9.28 -0.50 18.46
CA PRO A 76 7.98 -0.65 17.79
C PRO A 76 7.86 0.00 16.43
N ALA A 77 8.38 1.21 16.26
CA ALA A 77 8.28 1.88 14.97
C ALA A 77 9.21 1.25 13.95
N ASP A 78 10.13 0.42 14.39
CA ASP A 78 10.96 -0.33 13.46
C ASP A 78 10.30 -1.64 13.02
N VAL A 79 9.16 -1.99 13.59
CA VAL A 79 8.46 -3.22 13.22
C VAL A 79 7.25 -2.86 12.36
N MET A 80 6.31 -2.12 12.95
CA MET A 80 5.06 -1.75 12.31
C MET A 80 4.36 -0.69 13.14
N ASP A 81 3.60 0.15 12.45
CA ASP A 81 2.85 1.23 13.10
C ASP A 81 1.77 0.64 14.01
N SER A 82 1.64 1.20 15.21
CA SER A 82 0.76 0.61 16.21
CA SER A 82 0.75 0.71 16.26
C SER A 82 -0.73 0.75 15.89
N SER A 83 -1.12 1.52 14.86
CA SER A 83 -2.52 1.49 14.41
C SER A 83 -2.92 0.12 13.88
N HIS A 84 -1.94 -0.65 13.38
CA HIS A 84 -2.16 -1.83 12.57
C HIS A 84 -2.45 -2.99 13.52
N LYS A 85 -3.63 -2.94 14.13
CA LYS A 85 -4.13 -3.98 15.01
C LYS A 85 -4.74 -5.14 14.23
N GLY A 86 -4.37 -6.38 14.62
CA GLY A 86 -5.01 -7.57 14.10
C GLY A 86 -4.31 -8.85 14.52
N PRO A 87 -4.64 -9.95 13.86
CA PRO A 87 -4.03 -11.25 14.20
C PRO A 87 -2.67 -11.49 13.53
N THR A 88 -1.88 -12.36 14.15
CA THR A 88 -0.77 -13.01 13.46
C THR A 88 -1.13 -14.48 13.22
N ILE A 89 -0.60 -15.01 12.12
CA ILE A 89 -0.96 -16.34 11.65
C ILE A 89 0.27 -16.95 10.97
N ALA A 90 0.37 -18.27 11.02
CA ALA A 90 1.40 -18.96 10.25
C ALA A 90 0.85 -20.28 9.71
N TYR A 91 1.28 -20.61 8.48
CA TYR A 91 0.86 -21.83 7.79
C TYR A 91 2.08 -22.57 7.24
N LEU A 92 1.91 -23.88 7.03
CA LEU A 92 2.91 -24.70 6.32
C LEU A 92 2.30 -25.29 5.07
N LYS A 93 3.15 -25.64 4.10
CA LYS A 93 2.71 -26.31 2.89
C LYS A 93 3.84 -27.24 2.45
N LYS A 94 3.55 -28.53 2.34
CA LYS A 94 4.55 -29.46 1.85
C LYS A 94 4.75 -29.30 0.37
N VAL A 95 6.01 -29.23 -0.05
CA VAL A 95 6.35 -29.04 -1.44
C VAL A 95 7.49 -30.00 -1.80
N ASP A 96 7.68 -30.24 -3.10
CA ASP A 96 8.80 -31.07 -3.55
C ASP A 96 10.14 -30.34 -3.47
N ASN A 97 10.18 -29.05 -3.76
CA ASN A 97 11.42 -28.28 -3.71
C ASN A 97 11.06 -26.87 -3.25
N ALA A 98 11.53 -26.51 -2.05
CA ALA A 98 11.11 -25.26 -1.45
C ALA A 98 11.70 -24.05 -2.12
N ALA A 99 12.75 -24.21 -2.96
CA ALA A 99 13.33 -23.08 -3.66
C ALA A 99 12.60 -22.73 -4.95
N THR A 100 11.82 -23.66 -5.49
CA THR A 100 11.12 -23.41 -6.76
C THR A 100 9.60 -23.45 -6.69
N ALA A 101 9.01 -23.98 -5.63
CA ALA A 101 7.56 -24.08 -5.56
C ALA A 101 6.87 -22.71 -5.43
N SER A 102 5.66 -22.52 -5.97
N SER A 102 5.86 -22.61 -6.28
CA SER A 102 5.15 -21.12 -5.93
CA SER A 102 4.68 -21.81 -6.09
C SER A 102 4.42 -20.70 -4.65
C SER A 102 3.88 -22.37 -4.94
N GLY A 103 3.92 -21.64 -3.87
CA GLY A 103 2.91 -21.43 -2.86
C GLY A 103 1.46 -21.36 -3.27
N VAL A 104 1.18 -21.00 -4.51
CA VAL A 104 -0.19 -20.82 -4.98
C VAL A 104 -0.89 -22.17 -5.07
N GLY A 105 -2.05 -22.27 -4.46
CA GLY A 105 -2.86 -23.47 -4.56
C GLY A 105 -3.15 -24.15 -3.24
N ASN A 106 -3.55 -25.41 -3.31
CA ASN A 106 -3.94 -26.18 -2.14
C ASN A 106 -2.70 -26.66 -1.43
N GLY A 107 -2.87 -27.14 -0.20
CA GLY A 107 -1.77 -27.70 0.57
C GLY A 107 -1.45 -27.03 1.88
N TRP A 108 -1.98 -25.85 2.15
CA TRP A 108 -1.67 -25.12 3.36
C TRP A 108 -2.44 -25.64 4.56
N PHE A 109 -1.80 -25.61 5.72
CA PHE A 109 -2.46 -25.87 6.97
C PHE A 109 -1.90 -24.91 8.01
N LYS A 110 -2.77 -24.53 8.93
CA LYS A 110 -2.47 -23.52 9.91
C LYS A 110 -1.77 -24.13 11.12
N ILE A 111 -0.66 -23.55 11.56
CA ILE A 111 0.07 -24.07 12.71
C ILE A 111 0.19 -23.07 13.85
N GLN A 112 -0.22 -21.82 13.65
CA GLN A 112 -0.12 -20.80 14.68
C GLN A 112 -1.11 -19.66 14.39
N GLN A 113 -1.74 -19.17 15.45
CA GLN A 113 -2.49 -17.92 15.34
C GLN A 113 -2.54 -17.23 16.68
N ASP A 114 -2.69 -15.90 16.63
CA ASP A 114 -2.80 -15.08 17.83
C ASP A 114 -3.72 -13.91 17.48
N GLY A 115 -4.98 -14.01 17.92
CA GLY A 115 -6.02 -13.03 17.60
C GLY A 115 -6.08 -11.89 18.61
N MET A 116 -7.21 -11.76 19.30
CA MET A 116 -7.34 -10.80 20.38
C MET A 116 -7.54 -11.53 21.70
N ASP A 117 -6.79 -11.12 22.75
CA ASP A 117 -6.85 -11.82 24.03
C ASP A 117 -7.98 -11.23 24.89
N SER A 118 -8.05 -11.64 26.16
CA SER A 118 -9.14 -11.18 27.02
C SER A 118 -9.01 -9.69 27.31
N SER A 119 -7.78 -9.19 27.38
CA SER A 119 -7.52 -7.79 27.64
C SER A 119 -7.59 -6.92 26.39
N GLY A 120 -8.17 -7.41 25.29
CA GLY A 120 -8.25 -6.64 24.06
C GLY A 120 -6.91 -6.25 23.47
N VAL A 121 -5.87 -7.05 23.71
CA VAL A 121 -4.57 -6.84 23.08
C VAL A 121 -4.44 -7.84 21.93
N TRP A 122 -3.98 -7.33 20.78
CA TRP A 122 -3.99 -8.08 19.54
C TRP A 122 -2.64 -8.77 19.29
N GLY A 123 -2.68 -9.84 18.51
CA GLY A 123 -1.44 -10.51 18.12
C GLY A 123 -0.38 -9.57 17.58
N THR A 124 -0.77 -8.65 16.68
CA THR A 124 0.23 -7.78 16.09
C THR A 124 0.88 -6.90 17.13
N GLU A 125 0.16 -6.54 18.18
CA GLU A 125 0.75 -5.70 19.20
C GLU A 125 1.85 -6.44 19.96
N ARG A 126 1.66 -7.74 20.17
CA ARG A 126 2.68 -8.55 20.81
C ARG A 126 3.97 -8.62 20.00
N VAL A 127 3.86 -8.63 18.66
CA VAL A 127 5.03 -8.58 17.78
C VAL A 127 5.68 -7.18 17.78
N ILE A 128 4.88 -6.15 17.53
CA ILE A 128 5.38 -4.78 17.54
C ILE A 128 6.15 -4.50 18.84
N ASN A 129 5.55 -4.83 19.96
CA ASN A 129 6.20 -4.54 21.24
C ASN A 129 7.17 -5.64 21.70
N GLY A 130 7.28 -6.74 20.92
CA GLY A 130 8.17 -7.84 21.20
C GLY A 130 9.35 -7.93 20.27
N LYS A 131 9.88 -6.76 19.89
CA LYS A 131 11.04 -6.69 19.01
C LYS A 131 10.82 -7.38 17.65
N GLY A 132 9.57 -7.48 17.19
CA GLY A 132 9.32 -8.02 15.88
C GLY A 132 9.32 -9.54 15.84
N ARG A 133 9.33 -10.20 17.01
CA ARG A 133 9.46 -11.65 17.11
C ARG A 133 8.11 -12.33 17.08
N HIS A 134 7.93 -13.17 16.06
CA HIS A 134 6.73 -13.95 15.82
C HIS A 134 7.14 -15.44 15.89
N SER A 135 6.95 -16.06 17.06
CA SER A 135 7.41 -17.42 17.34
C SER A 135 6.38 -18.45 16.91
N ILE A 136 6.85 -19.47 16.20
CA ILE A 136 5.97 -20.43 15.54
C ILE A 136 6.52 -21.84 15.80
N LYS A 137 5.70 -22.73 16.35
CA LYS A 137 6.15 -24.11 16.59
C LYS A 137 5.91 -24.99 15.36
N ILE A 138 6.97 -25.59 14.85
CA ILE A 138 6.85 -26.58 13.79
C ILE A 138 6.32 -27.88 14.42
N PRO A 139 5.21 -28.45 13.95
CA PRO A 139 4.69 -29.67 14.58
C PRO A 139 5.66 -30.85 14.46
N GLU A 140 5.66 -31.68 15.51
CA GLU A 140 6.53 -32.84 15.59
CA GLU A 140 6.52 -32.85 15.60
C GLU A 140 5.99 -34.02 14.79
N CYS A 141 4.69 -34.06 14.51
CA CYS A 141 4.03 -35.22 13.93
C CYS A 141 3.84 -35.15 12.43
N ILE A 142 4.41 -34.14 11.75
CA ILE A 142 4.26 -34.02 10.31
C ILE A 142 5.36 -34.82 9.63
N ALA A 143 5.09 -35.17 8.37
CA ALA A 143 6.09 -35.83 7.52
C ALA A 143 7.31 -34.93 7.30
N PRO A 144 8.52 -35.48 7.33
CA PRO A 144 9.70 -34.67 7.04
C PRO A 144 9.74 -34.33 5.57
N GLY A 145 10.59 -33.34 5.24
CA GLY A 145 10.70 -32.93 3.87
C GLY A 145 10.68 -31.43 3.72
N GLN A 146 10.51 -31.00 2.46
CA GLN A 146 10.52 -29.57 2.12
C GLN A 146 9.16 -28.93 2.34
N TYR A 147 9.18 -27.74 2.96
CA TYR A 147 7.97 -26.97 3.22
C TYR A 147 8.19 -25.49 2.92
N LEU A 148 7.10 -24.81 2.54
CA LEU A 148 7.01 -23.37 2.66
C LEU A 148 6.36 -23.01 3.99
N LEU A 149 6.88 -21.96 4.62
CA LEU A 149 6.29 -21.38 5.82
C LEU A 149 5.74 -20.04 5.39
N ARG A 150 4.44 -19.84 5.59
CA ARG A 150 3.79 -18.56 5.32
C ARG A 150 3.49 -17.89 6.64
N ALA A 151 4.13 -16.76 6.91
CA ALA A 151 3.91 -16.00 8.15
C ALA A 151 3.19 -14.72 7.77
N GLU A 152 2.16 -14.37 8.54
CA GLU A 152 1.24 -13.31 8.17
C GLU A 152 0.85 -12.42 9.36
N MET A 153 0.76 -11.14 9.11
CA MET A 153 0.07 -10.21 10.02
C MET A 153 -1.01 -9.53 9.21
N ILE A 154 -2.21 -9.42 9.77
CA ILE A 154 -3.34 -8.76 9.13
C ILE A 154 -3.66 -7.50 9.94
N ALA A 155 -3.61 -6.36 9.30
CA ALA A 155 -3.98 -5.11 9.94
C ALA A 155 -5.44 -4.78 9.62
N LEU A 156 -6.23 -4.55 10.66
CA LEU A 156 -7.67 -4.36 10.55
C LEU A 156 -8.13 -2.92 10.87
N HIS A 157 -7.19 -1.96 10.99
CA HIS A 157 -7.57 -0.60 11.38
C HIS A 157 -8.42 0.09 10.32
N ALA A 158 -8.41 -0.39 9.07
CA ALA A 158 -9.21 0.17 7.98
C ALA A 158 -10.09 -0.89 7.31
N ALA A 159 -10.55 -1.90 8.09
CA ALA A 159 -11.23 -3.06 7.55
C ALA A 159 -12.77 -3.05 7.74
N SER A 160 -13.39 -1.88 8.07
CA SER A 160 -14.85 -1.79 8.18
C SER A 160 -15.57 -2.25 6.92
N ASN A 161 -15.04 -1.95 5.75
CA ASN A 161 -15.55 -2.46 4.50
C ASN A 161 -14.48 -3.36 3.86
N TYR A 162 -14.86 -4.07 2.80
CA TYR A 162 -13.92 -4.83 2.03
C TYR A 162 -13.99 -4.27 0.61
N PRO A 163 -12.86 -3.98 -0.03
CA PRO A 163 -11.49 -4.12 0.50
C PRO A 163 -11.20 -3.15 1.60
N GLY A 164 -10.31 -3.55 2.47
CA GLY A 164 -9.91 -2.69 3.55
C GLY A 164 -8.88 -3.36 4.42
N ALA A 165 -9.09 -4.64 4.75
CA ALA A 165 -8.08 -5.40 5.47
C ALA A 165 -6.76 -5.37 4.72
N GLN A 166 -5.66 -5.32 5.48
CA GLN A 166 -4.32 -5.27 4.91
C GLN A 166 -3.51 -6.52 5.29
N PHE A 167 -3.12 -7.28 4.29
CA PHE A 167 -2.48 -8.57 4.49
C PHE A 167 -1.00 -8.41 4.20
N TYR A 168 -0.19 -8.73 5.21
CA TYR A 168 1.26 -8.71 5.12
C TYR A 168 1.76 -10.14 5.31
N MET A 169 2.37 -10.72 4.27
CA MET A 169 2.86 -12.10 4.35
C MET A 169 4.13 -12.29 3.54
N GLU A 170 4.95 -13.24 3.98
CA GLU A 170 6.09 -13.69 3.20
C GLU A 170 6.26 -15.18 3.46
N CYS A 171 6.95 -15.84 2.54
CA CYS A 171 7.13 -17.27 2.62
C CYS A 171 8.59 -17.58 2.79
N ALA A 172 8.85 -18.51 3.71
CA ALA A 172 10.19 -19.01 3.96
C ALA A 172 10.30 -20.46 3.48
N GLN A 173 11.53 -20.85 3.19
CA GLN A 173 11.85 -22.13 2.58
C GLN A 173 12.53 -23.02 3.61
N LEU A 174 11.89 -24.12 3.97
CA LEU A 174 12.32 -24.99 5.06
C LEU A 174 12.53 -26.41 4.58
N ASN A 175 13.45 -27.07 5.29
CA ASN A 175 13.66 -28.52 5.22
C ASN A 175 13.42 -29.04 6.64
N VAL A 176 12.30 -29.69 6.85
CA VAL A 176 11.92 -30.18 8.16
C VAL A 176 12.46 -31.59 8.35
N VAL A 177 13.30 -31.76 9.35
CA VAL A 177 13.88 -33.06 9.67
C VAL A 177 13.32 -33.55 11.00
N GLY A 178 13.22 -34.88 11.12
CA GLY A 178 12.86 -35.52 12.37
C GLY A 178 11.36 -35.65 12.60
N GLY A 179 10.55 -35.33 11.62
CA GLY A 179 9.13 -35.42 11.81
C GLY A 179 8.70 -36.86 11.72
N THR A 180 7.64 -37.22 12.44
CA THR A 180 7.24 -38.63 12.54
C THR A 180 6.23 -39.04 11.48
N GLY A 181 5.63 -38.09 10.77
CA GLY A 181 4.62 -38.44 9.80
C GLY A 181 3.39 -39.09 10.42
N ALA A 182 3.21 -38.98 11.73
CA ALA A 182 2.09 -39.67 12.39
C ALA A 182 0.73 -39.14 11.99
N LYS A 183 0.67 -37.89 11.54
CA LYS A 183 -0.61 -37.27 11.19
C LYS A 183 -0.49 -36.50 9.89
N THR A 184 -1.58 -36.53 9.12
CA THR A 184 -1.65 -35.86 7.83
C THR A 184 -2.68 -34.73 7.95
N PRO A 185 -2.29 -33.48 7.76
CA PRO A 185 -3.26 -32.39 7.94
C PRO A 185 -4.25 -32.34 6.80
N SER A 186 -5.45 -31.91 7.13
CA SER A 186 -6.33 -31.39 6.09
CA SER A 186 -6.33 -31.38 6.10
C SER A 186 -5.86 -29.99 5.70
N THR A 187 -6.00 -29.66 4.42
CA THR A 187 -5.41 -28.45 3.87
C THR A 187 -6.43 -27.51 3.22
N VAL A 188 -6.01 -26.26 3.05
CA VAL A 188 -6.76 -25.24 2.32
C VAL A 188 -5.91 -24.64 1.22
N SER A 189 -6.57 -23.83 0.38
CA SER A 189 -5.94 -23.15 -0.73
C SER A 189 -5.76 -21.66 -0.43
N PHE A 190 -4.67 -21.13 -0.95
CA PHE A 190 -4.44 -19.69 -1.12
C PHE A 190 -4.19 -19.39 -2.59
N PRO A 191 -5.04 -18.58 -3.26
CA PRO A 191 -6.28 -18.03 -2.76
C PRO A 191 -7.33 -19.11 -2.52
N GLY A 192 -8.25 -18.82 -1.60
CA GLY A 192 -9.42 -19.65 -1.33
C GLY A 192 -9.81 -19.66 0.12
N ALA A 193 -8.82 -19.68 1.00
CA ALA A 193 -9.10 -19.84 2.42
C ALA A 193 -9.83 -18.64 3.03
N TYR A 194 -9.51 -17.43 2.55
CA TYR A 194 -10.09 -16.18 3.05
C TYR A 194 -11.09 -15.63 2.03
N SER A 195 -12.17 -15.08 2.53
CA SER A 195 -13.14 -14.38 1.72
CA SER A 195 -13.13 -14.37 1.71
C SER A 195 -13.37 -12.96 2.26
N GLY A 196 -13.82 -12.07 1.36
CA GLY A 196 -14.08 -10.68 1.73
C GLY A 196 -15.18 -10.49 2.74
N SER A 197 -16.08 -11.45 2.86
CA SER A 197 -17.17 -11.38 3.83
C SER A 197 -16.88 -12.14 5.12
N ASP A 198 -15.68 -12.72 5.30
CA ASP A 198 -15.35 -13.35 6.58
C ASP A 198 -15.44 -12.35 7.73
N PRO A 199 -15.90 -12.79 8.91
CA PRO A 199 -16.08 -11.87 10.05
C PRO A 199 -14.81 -11.39 10.67
N GLY A 200 -13.69 -12.01 10.34
CA GLY A 200 -12.40 -11.52 10.78
C GLY A 200 -11.68 -10.71 9.71
N VAL A 201 -12.27 -10.55 8.52
CA VAL A 201 -11.70 -9.77 7.42
C VAL A 201 -12.44 -8.44 7.26
N LYS A 202 -13.76 -8.49 7.22
CA LYS A 202 -14.61 -7.29 7.12
C LYS A 202 -15.19 -7.06 8.52
N ILE A 203 -14.62 -6.09 9.23
CA ILE A 203 -14.87 -5.94 10.65
C ILE A 203 -14.52 -4.52 11.04
N SER A 204 -15.41 -3.87 11.76
CA SER A 204 -15.08 -2.61 12.43
C SER A 204 -14.56 -2.93 13.80
N ILE A 205 -13.33 -2.55 14.10
CA ILE A 205 -12.79 -2.82 15.42
C ILE A 205 -13.08 -1.67 16.38
N TYR A 206 -13.85 -0.68 15.93
CA TYR A 206 -14.17 0.45 16.80
C TYR A 206 -15.66 0.52 17.16
N TRP A 207 -16.57 0.07 16.30
CA TRP A 207 -18.00 0.28 16.49
C TRP A 207 -18.77 -1.03 16.33
N PRO A 208 -19.13 -1.71 17.45
CA PRO A 208 -18.71 -1.43 18.83
C PRO A 208 -17.27 -1.91 19.08
N PRO A 209 -16.71 -1.62 20.26
CA PRO A 209 -15.37 -2.12 20.55
C PRO A 209 -15.43 -3.64 20.71
N VAL A 210 -14.49 -4.30 20.08
CA VAL A 210 -14.53 -5.75 19.96
C VAL A 210 -14.10 -6.38 21.28
N THR A 211 -14.76 -7.47 21.68
CA THR A 211 -14.29 -8.28 22.80
C THR A 211 -14.05 -9.74 22.43
N SER A 212 -14.48 -10.18 21.25
CA SER A 212 -14.14 -11.48 20.69
C SER A 212 -13.85 -11.33 19.19
N TYR A 213 -12.87 -12.07 18.72
CA TYR A 213 -12.45 -12.05 17.32
C TYR A 213 -12.28 -13.48 16.77
N THR A 214 -12.79 -13.72 15.58
CA THR A 214 -12.59 -14.99 14.88
C THR A 214 -11.45 -14.84 13.85
N VAL A 215 -10.32 -15.46 14.11
CA VAL A 215 -9.20 -15.42 13.16
C VAL A 215 -9.65 -16.13 11.90
N PRO A 216 -9.42 -15.57 10.71
CA PRO A 216 -9.86 -16.25 9.50
C PRO A 216 -9.04 -17.51 9.22
N GLY A 217 -9.56 -18.31 8.31
CA GLY A 217 -8.91 -19.53 7.90
C GLY A 217 -9.35 -20.73 8.69
N PRO A 218 -8.71 -21.87 8.42
CA PRO A 218 -9.07 -23.12 9.09
C PRO A 218 -8.60 -23.15 10.55
N SER A 219 -9.06 -24.15 11.29
CA SER A 219 -8.56 -24.24 12.64
C SER A 219 -7.10 -24.68 12.66
N VAL A 220 -6.46 -24.45 13.78
CA VAL A 220 -5.06 -24.79 13.97
C VAL A 220 -4.87 -26.30 13.97
N PHE A 221 -3.88 -26.75 13.19
CA PHE A 221 -3.49 -28.15 13.20
C PHE A 221 -2.69 -28.47 14.46
N THR A 222 -3.02 -29.58 15.12
CA THR A 222 -2.24 -29.98 16.29
C THR A 222 -2.02 -31.48 16.23
N CYS A 223 -0.99 -31.92 16.94
CA CYS A 223 -0.54 -33.29 16.89
C CYS A 223 -1.33 -34.12 17.89
N HIS B 1 -4.75 1.53 -5.91
CA HIS B 1 -3.39 1.51 -6.39
C HIS B 1 -3.29 2.06 -7.81
N THR B 2 -2.45 3.08 -8.02
CA THR B 2 -2.35 3.81 -9.27
C THR B 2 -1.15 4.75 -9.19
N ILE B 3 -0.68 5.17 -10.35
CA ILE B 3 0.45 6.07 -10.51
C ILE B 3 0.17 7.03 -11.65
N PHE B 4 0.34 8.33 -11.38
CA PHE B 4 0.37 9.38 -12.39
C PHE B 4 1.77 9.29 -13.00
N SER B 5 1.87 8.74 -14.21
CA SER B 5 3.18 8.40 -14.74
C SER B 5 3.57 9.11 -16.04
N SER B 6 2.70 9.92 -16.63
CA SER B 6 3.11 10.76 -17.75
C SER B 6 2.14 11.92 -17.87
N LEU B 7 2.60 12.95 -18.59
CA LEU B 7 1.83 14.16 -18.83
C LEU B 7 1.65 14.40 -20.32
N GLU B 8 0.46 14.80 -20.69
CA GLU B 8 0.19 15.23 -22.03
C GLU B 8 0.06 16.76 -22.05
N VAL B 9 0.84 17.39 -22.93
CA VAL B 9 0.85 18.83 -23.10
C VAL B 9 0.70 19.13 -24.58
N ASN B 10 -0.17 20.08 -24.93
CA ASN B 10 -0.40 20.45 -26.33
C ASN B 10 -0.68 19.23 -27.18
N GLY B 11 -1.47 18.32 -26.63
CA GLY B 11 -1.86 17.12 -27.31
C GLY B 11 -0.84 16.02 -27.40
N VAL B 12 0.39 16.20 -26.87
CA VAL B 12 1.45 15.23 -27.05
C VAL B 12 1.87 14.71 -25.69
N ASN B 13 1.92 13.40 -25.57
CA ASN B 13 2.41 12.77 -24.34
C ASN B 13 3.93 12.93 -24.23
N GLN B 14 4.39 13.42 -23.09
CA GLN B 14 5.80 13.75 -22.95
CA GLN B 14 5.80 13.75 -22.96
C GLN B 14 6.68 12.57 -22.55
N GLY B 15 6.10 11.42 -22.31
CA GLY B 15 6.89 10.23 -22.09
C GLY B 15 6.77 9.72 -20.67
N LEU B 16 6.89 8.42 -20.55
CA LEU B 16 6.79 7.73 -19.26
CA LEU B 16 6.80 7.73 -19.27
C LEU B 16 7.88 8.17 -18.30
N GLY B 17 7.48 8.73 -17.16
CA GLY B 17 8.46 9.19 -16.20
C GLY B 17 9.30 10.39 -16.61
N GLU B 18 8.97 11.07 -17.71
CA GLU B 18 9.75 12.18 -18.27
C GLU B 18 9.15 13.47 -17.76
N GLY B 19 9.82 14.12 -16.82
CA GLY B 19 9.27 15.31 -16.17
C GLY B 19 8.24 15.03 -15.08
N VAL B 20 7.94 13.76 -14.82
CA VAL B 20 7.11 13.34 -13.68
C VAL B 20 7.97 12.47 -12.80
N ARG B 21 8.02 12.79 -11.53
CA ARG B 21 8.81 12.01 -10.59
C ARG B 21 8.01 10.79 -10.17
N VAL B 22 8.27 9.66 -10.80
CA VAL B 22 7.45 8.49 -10.59
C VAL B 22 8.02 7.54 -9.54
N PRO B 23 7.16 6.96 -8.72
CA PRO B 23 7.58 5.88 -7.84
C PRO B 23 7.64 4.55 -8.57
N THR B 24 8.40 3.62 -7.97
CA THR B 24 8.46 2.27 -8.52
C THR B 24 7.17 1.50 -8.22
N TYR B 25 6.61 1.74 -7.03
CA TYR B 25 5.46 0.98 -6.57
CA TYR B 25 5.48 1.00 -6.48
C TYR B 25 4.21 1.86 -6.50
N ASN B 26 3.08 1.21 -6.67
CA ASN B 26 1.81 1.93 -6.84
C ASN B 26 0.98 2.06 -5.55
N GLY B 27 1.58 1.84 -4.40
CA GLY B 27 0.87 1.90 -3.14
C GLY B 27 0.70 3.32 -2.58
N PRO B 28 -0.30 3.49 -1.73
CA PRO B 28 -0.66 4.84 -1.28
C PRO B 28 0.18 5.32 -0.14
N ILE B 29 0.12 6.62 0.08
CA ILE B 29 0.55 7.25 1.33
C ILE B 29 -0.67 7.32 2.23
N GLU B 30 -0.49 7.09 3.50
CA GLU B 30 -1.59 7.04 4.45
C GLU B 30 -1.48 8.03 5.59
N ASP B 31 -0.31 8.58 5.83
CA ASP B 31 -0.06 9.46 6.95
C ASP B 31 0.03 10.89 6.40
N VAL B 32 -0.97 11.71 6.70
CA VAL B 32 -1.00 13.07 6.16
C VAL B 32 0.06 13.98 6.78
N THR B 33 0.72 13.54 7.85
CA THR B 33 1.74 14.34 8.51
C THR B 33 3.14 14.02 7.97
N SER B 34 3.27 13.00 7.15
CA SER B 34 4.54 12.62 6.58
C SER B 34 4.97 13.57 5.46
N ALA B 35 6.29 13.78 5.36
CA ALA B 35 6.85 14.56 4.25
C ALA B 35 6.50 13.96 2.89
N SER B 36 6.28 12.66 2.81
CA SER B 36 5.89 11.99 1.58
C SER B 36 4.55 12.44 1.01
N ILE B 37 3.70 13.09 1.81
CA ILE B 37 2.41 13.59 1.31
C ILE B 37 2.60 14.62 0.21
N ALA B 38 3.78 15.27 0.11
CA ALA B 38 3.90 16.37 -0.85
C ALA B 38 4.05 15.83 -2.27
N CYS B 39 5.11 15.06 -2.51
CA CYS B 39 5.39 14.54 -3.83
C CYS B 39 5.66 13.05 -3.78
N ASN B 40 4.99 12.34 -2.86
CA ASN B 40 5.21 10.92 -2.60
C ASN B 40 6.62 10.72 -1.98
N GLY B 41 6.99 9.51 -1.71
CA GLY B 41 8.25 9.25 -1.03
C GLY B 41 8.14 8.03 -0.11
N SER B 42 9.03 8.02 0.87
CA SER B 42 9.17 6.88 1.76
C SER B 42 7.82 6.48 2.35
N PRO B 43 7.51 5.18 2.46
CA PRO B 43 8.31 3.98 2.17
C PRO B 43 8.42 3.62 0.69
N ASN B 44 7.79 4.39 -0.23
CA ASN B 44 8.04 4.22 -1.64
CA ASN B 44 7.96 4.30 -1.65
C ASN B 44 9.38 4.82 -2.00
N THR B 45 9.83 4.57 -3.23
CA THR B 45 11.03 5.20 -3.77
CA THR B 45 11.05 5.16 -3.79
C THR B 45 10.64 5.92 -5.04
N VAL B 46 11.03 7.20 -5.11
CA VAL B 46 10.60 8.07 -6.21
C VAL B 46 11.82 8.37 -7.07
N ALA B 47 11.67 8.23 -8.37
CA ALA B 47 12.77 8.46 -9.29
C ALA B 47 12.91 9.95 -9.57
N SER B 48 14.12 10.38 -9.87
CA SER B 48 14.37 11.73 -10.33
CA SER B 48 14.37 11.73 -10.33
C SER B 48 14.30 11.79 -11.85
N THR B 49 14.09 13.01 -12.37
CA THR B 49 14.00 13.23 -13.81
C THR B 49 14.54 14.63 -14.10
N SER B 50 15.37 14.73 -15.15
CA SER B 50 15.98 16.02 -15.53
CA SER B 50 15.94 16.05 -15.45
C SER B 50 15.05 16.89 -16.35
N LYS B 51 14.03 16.33 -16.93
CA LYS B 51 13.18 17.05 -17.87
C LYS B 51 12.25 18.03 -17.16
N VAL B 52 12.21 19.25 -17.67
CA VAL B 52 11.27 20.29 -17.25
C VAL B 52 10.38 20.61 -18.43
N ILE B 53 9.06 20.57 -18.25
CA ILE B 53 8.14 20.63 -19.37
C ILE B 53 7.61 22.05 -19.52
N THR B 54 7.78 22.63 -20.71
CA THR B 54 7.24 23.96 -20.97
C THR B 54 5.75 23.89 -21.27
N VAL B 55 5.02 24.75 -20.58
N VAL B 55 4.98 24.67 -20.54
CA VAL B 55 3.57 24.82 -20.63
CA VAL B 55 3.55 24.77 -20.77
C VAL B 55 3.16 26.29 -20.79
C VAL B 55 3.13 26.23 -20.78
N GLN B 56 2.20 26.55 -21.68
CA GLN B 56 1.60 27.89 -21.77
C GLN B 56 0.52 28.11 -20.70
N ALA B 57 0.63 29.22 -19.97
CA ALA B 57 -0.38 29.57 -18.99
C ALA B 57 -1.72 29.72 -19.67
N GLY B 58 -2.76 29.25 -19.02
CA GLY B 58 -4.10 29.26 -19.59
C GLY B 58 -4.54 27.99 -20.27
N THR B 59 -3.61 27.09 -20.61
CA THR B 59 -3.92 25.86 -21.32
C THR B 59 -4.10 24.71 -20.32
N ASN B 60 -4.67 23.60 -20.79
CA ASN B 60 -4.82 22.42 -19.94
C ASN B 60 -3.68 21.46 -20.20
N VAL B 61 -3.22 20.81 -19.15
CA VAL B 61 -2.37 19.64 -19.25
C VAL B 61 -3.23 18.45 -18.81
N THR B 62 -2.83 17.26 -19.17
CA THR B 62 -3.61 16.07 -18.77
C THR B 62 -2.67 15.10 -18.10
N ALA B 63 -2.91 14.84 -16.81
CA ALA B 63 -2.18 13.80 -16.11
C ALA B 63 -2.78 12.45 -16.49
N ILE B 64 -1.90 11.50 -16.77
CA ILE B 64 -2.30 10.19 -17.27
C ILE B 64 -2.02 9.17 -16.18
N TRP B 65 -3.05 8.57 -15.64
CA TRP B 65 -2.96 7.67 -14.51
C TRP B 65 -3.03 6.23 -15.01
N ARG B 66 -2.18 5.38 -14.44
CA ARG B 66 -2.09 3.98 -14.84
C ARG B 66 -1.90 3.15 -13.57
N TYR B 67 -2.38 1.91 -13.64
CA TYR B 67 -2.26 0.99 -12.50
C TYR B 67 -0.81 0.78 -12.04
N MET B 68 0.08 0.55 -12.99
CA MET B 68 1.49 0.27 -12.78
CA MET B 68 1.49 0.28 -12.76
C MET B 68 2.29 1.01 -13.84
N LEU B 69 3.61 1.15 -13.62
CA LEU B 69 4.46 1.82 -14.60
C LEU B 69 4.44 1.10 -15.92
N SER B 70 4.39 -0.22 -15.88
CA SER B 70 4.49 -1.05 -17.06
C SER B 70 3.15 -1.28 -17.73
N THR B 71 2.07 -0.74 -17.18
CA THR B 71 0.75 -0.93 -17.74
C THR B 71 0.68 -0.34 -19.14
N THR B 72 0.14 -1.11 -20.09
CA THR B 72 0.03 -0.59 -21.46
C THR B 72 -1.38 -0.20 -21.87
N GLY B 73 -2.42 -0.73 -21.23
CA GLY B 73 -3.77 -0.40 -21.63
C GLY B 73 -4.32 0.82 -20.94
N ASP B 74 -5.58 1.09 -21.27
CA ASP B 74 -6.28 2.28 -20.79
C ASP B 74 -7.72 1.95 -20.42
N SER B 75 -8.02 0.70 -20.20
CA SER B 75 -9.34 0.32 -19.73
C SER B 75 -9.40 0.56 -18.24
N PRO B 76 -10.59 0.43 -17.65
CA PRO B 76 -10.74 0.76 -16.24
C PRO B 76 -9.75 0.06 -15.32
N ALA B 77 -9.49 -1.24 -15.54
CA ALA B 77 -8.60 -1.99 -14.66
C ALA B 77 -7.14 -1.62 -14.87
N ASP B 78 -6.84 -0.99 -15.98
CA ASP B 78 -5.51 -0.47 -16.27
C ASP B 78 -5.27 0.89 -15.63
N VAL B 79 -6.27 1.46 -14.96
CA VAL B 79 -6.15 2.76 -14.34
C VAL B 79 -6.13 2.61 -12.83
N MET B 80 -7.23 2.12 -12.25
CA MET B 80 -7.34 1.96 -10.83
C MET B 80 -8.59 1.13 -10.54
N ASP B 81 -8.54 0.35 -9.45
CA ASP B 81 -9.69 -0.46 -9.03
C ASP B 81 -10.94 0.40 -8.79
N SER B 82 -12.10 -0.11 -9.25
N SER B 82 -12.08 -0.17 -9.22
CA SER B 82 -13.33 0.67 -9.15
CA SER B 82 -13.39 0.48 -9.13
C SER B 82 -13.82 0.85 -7.71
C SER B 82 -13.76 0.88 -7.71
N SER B 83 -13.29 0.12 -6.73
CA SER B 83 -13.59 0.39 -5.33
C SER B 83 -13.08 1.76 -4.86
N HIS B 84 -12.06 2.29 -5.54
CA HIS B 84 -11.30 3.44 -5.07
C HIS B 84 -12.03 4.72 -5.43
N LYS B 85 -13.13 4.97 -4.74
CA LYS B 85 -13.92 6.16 -4.95
C LYS B 85 -13.41 7.34 -4.13
N GLY B 86 -13.37 8.50 -4.76
CA GLY B 86 -12.92 9.69 -4.11
C GLY B 86 -12.66 10.84 -5.07
N PRO B 87 -12.07 11.93 -4.56
CA PRO B 87 -11.80 13.12 -5.38
C PRO B 87 -10.52 13.04 -6.19
N THR B 88 -10.46 13.86 -7.24
CA THR B 88 -9.21 14.21 -7.89
C THR B 88 -8.89 15.67 -7.55
N ILE B 89 -7.60 15.99 -7.47
CA ILE B 89 -7.16 17.28 -6.99
C ILE B 89 -5.83 17.60 -7.66
N ALA B 90 -5.57 18.89 -7.85
CA ALA B 90 -4.28 19.31 -8.40
C ALA B 90 -3.86 20.66 -7.82
N TYR B 91 -2.56 20.78 -7.62
CA TYR B 91 -1.97 21.94 -6.99
C TYR B 91 -0.73 22.35 -7.76
N LEU B 92 -0.34 23.60 -7.56
CA LEU B 92 0.91 24.15 -8.11
C LEU B 92 1.72 24.77 -6.99
N LYS B 93 3.03 24.85 -7.21
CA LYS B 93 3.95 25.48 -6.26
C LYS B 93 5.10 26.11 -7.04
N LYS B 94 5.30 27.40 -6.87
CA LYS B 94 6.40 28.09 -7.55
C LYS B 94 7.73 27.73 -6.88
N VAL B 95 8.69 27.36 -7.71
CA VAL B 95 10.01 26.96 -7.21
C VAL B 95 11.07 27.58 -8.09
N ASP B 96 12.28 27.64 -7.55
CA ASP B 96 13.40 28.24 -8.29
C ASP B 96 13.92 27.30 -9.37
N ASN B 97 13.97 26.00 -9.06
CA ASN B 97 14.48 25.01 -10.00
C ASN B 97 13.61 23.77 -9.92
N ALA B 98 12.75 23.55 -10.94
CA ALA B 98 11.77 22.47 -10.82
C ALA B 98 12.41 21.09 -10.86
N ALA B 99 13.66 20.97 -11.31
CA ALA B 99 14.27 19.67 -11.44
C ALA B 99 14.85 19.21 -10.12
N THR B 100 15.01 20.10 -9.14
CA THR B 100 15.66 19.75 -7.91
C THR B 100 14.89 20.14 -6.67
N ALA B 101 13.87 21.00 -6.77
CA ALA B 101 13.13 21.42 -5.57
C ALA B 101 12.39 20.22 -4.97
N SER B 102 12.30 20.15 -3.63
CA SER B 102 11.74 18.97 -2.96
CA SER B 102 11.74 18.96 -3.00
C SER B 102 10.21 18.95 -2.98
N GLY B 103 9.56 20.08 -3.00
CA GLY B 103 8.09 20.09 -2.87
C GLY B 103 7.57 20.22 -1.47
N VAL B 104 8.35 19.74 -0.47
CA VAL B 104 7.92 19.78 0.92
C VAL B 104 7.86 21.23 1.40
N GLY B 105 6.84 21.55 2.19
CA GLY B 105 6.74 22.87 2.79
C GLY B 105 5.64 23.69 2.16
N ASN B 106 5.81 25.01 2.28
CA ASN B 106 4.78 25.97 1.93
C ASN B 106 4.90 26.30 0.45
N GLY B 107 3.87 26.93 -0.10
CA GLY B 107 3.89 27.39 -1.48
C GLY B 107 2.80 26.81 -2.37
N TRP B 108 2.09 25.75 -1.93
CA TRP B 108 1.09 25.10 -2.76
C TRP B 108 -0.21 25.89 -2.84
N PHE B 109 -0.82 25.89 -4.02
CA PHE B 109 -2.16 26.41 -4.20
C PHE B 109 -2.94 25.47 -5.11
N LYS B 110 -4.21 25.27 -4.78
CA LYS B 110 -5.08 24.36 -5.52
C LYS B 110 -5.61 25.00 -6.76
N ILE B 111 -5.55 24.26 -7.88
CA ILE B 111 -6.01 24.74 -9.17
C ILE B 111 -7.08 23.87 -9.79
N GLN B 112 -7.31 22.68 -9.27
CA GLN B 112 -8.39 21.82 -9.77
C GLN B 112 -8.87 20.92 -8.64
N GLN B 113 -10.17 20.63 -8.65
CA GLN B 113 -10.73 19.54 -7.84
C GLN B 113 -12.04 19.05 -8.47
N ASP B 114 -12.33 17.80 -8.17
CA ASP B 114 -13.50 17.08 -8.67
C ASP B 114 -13.87 16.07 -7.58
N GLY B 115 -14.86 16.42 -6.77
CA GLY B 115 -15.19 15.57 -5.64
C GLY B 115 -16.35 14.65 -5.96
N MET B 116 -17.54 14.89 -5.41
CA MET B 116 -18.71 14.11 -5.75
C MET B 116 -19.76 15.04 -6.36
N ASP B 117 -20.32 14.63 -7.49
CA ASP B 117 -21.34 15.47 -8.12
C ASP B 117 -22.73 15.12 -7.61
N SER B 118 -23.75 15.80 -8.20
CA SER B 118 -25.14 15.68 -7.77
C SER B 118 -25.63 14.26 -7.91
N SER B 119 -25.12 13.55 -8.91
CA SER B 119 -25.57 12.21 -9.22
C SER B 119 -24.87 11.15 -8.41
N GLY B 120 -24.02 11.55 -7.45
CA GLY B 120 -23.30 10.60 -6.65
C GLY B 120 -22.07 10.00 -7.30
N VAL B 121 -21.57 10.59 -8.37
CA VAL B 121 -20.41 10.06 -9.07
C VAL B 121 -19.16 10.86 -8.69
N TRP B 122 -18.10 10.14 -8.43
CA TRP B 122 -16.87 10.68 -7.87
C TRP B 122 -15.82 11.00 -8.96
N GLY B 123 -14.95 11.98 -8.64
CA GLY B 123 -13.90 12.36 -9.59
C GLY B 123 -13.04 11.19 -10.07
N THR B 124 -12.71 10.27 -9.16
CA THR B 124 -11.88 9.14 -9.56
C THR B 124 -12.58 8.26 -10.58
N GLU B 125 -13.91 8.16 -10.49
CA GLU B 125 -14.63 7.35 -11.47
C GLU B 125 -14.59 7.95 -12.86
N ARG B 126 -14.59 9.28 -12.97
CA ARG B 126 -14.41 9.93 -14.27
C ARG B 126 -13.02 9.69 -14.83
N VAL B 127 -11.99 9.58 -14.00
CA VAL B 127 -10.67 9.22 -14.49
C VAL B 127 -10.61 7.73 -14.86
N ILE B 128 -11.11 6.85 -13.99
CA ILE B 128 -11.07 5.42 -14.23
C ILE B 128 -11.77 5.07 -15.56
N ASN B 129 -12.90 5.69 -15.82
CA ASN B 129 -13.68 5.38 -16.99
C ASN B 129 -13.36 6.32 -18.13
N GLY B 130 -12.40 7.22 -17.93
CA GLY B 130 -11.99 8.15 -18.96
C GLY B 130 -10.57 7.93 -19.42
N LYS B 131 -10.18 6.67 -19.49
CA LYS B 131 -8.88 6.27 -19.99
C LYS B 131 -7.72 6.82 -19.15
N GLY B 132 -7.98 7.16 -17.88
CA GLY B 132 -6.92 7.62 -16.99
C GLY B 132 -6.61 9.10 -17.11
N ARG B 133 -7.42 9.86 -17.84
CA ARG B 133 -7.11 11.22 -18.20
C ARG B 133 -7.68 12.12 -17.13
N HIS B 134 -6.81 12.92 -16.55
CA HIS B 134 -7.15 13.88 -15.51
C HIS B 134 -6.74 15.25 -16.03
N SER B 135 -7.72 16.02 -16.56
CA SER B 135 -7.44 17.30 -17.21
C SER B 135 -7.41 18.42 -16.17
N ILE B 136 -6.40 19.28 -16.30
CA ILE B 136 -6.05 20.32 -15.33
C ILE B 136 -5.74 21.62 -16.06
N LYS B 137 -6.38 22.70 -15.70
CA LYS B 137 -6.12 23.99 -16.32
C LYS B 137 -5.06 24.74 -15.56
N ILE B 138 -3.97 25.11 -16.25
CA ILE B 138 -2.97 26.02 -15.70
C ILE B 138 -3.51 27.44 -15.78
N PRO B 139 -3.66 28.14 -14.66
CA PRO B 139 -4.24 29.48 -14.70
C PRO B 139 -3.43 30.49 -15.53
N GLU B 140 -4.16 31.35 -16.24
CA GLU B 140 -3.53 32.37 -17.11
C GLU B 140 -2.84 33.46 -16.30
N CYS B 141 -3.30 33.72 -15.09
CA CYS B 141 -2.96 34.93 -14.35
C CYS B 141 -1.81 34.79 -13.36
N ILE B 142 -1.12 33.66 -13.32
CA ILE B 142 -0.03 33.51 -12.39
C ILE B 142 1.25 34.00 -13.03
N ALA B 143 2.29 34.13 -12.22
CA ALA B 143 3.60 34.53 -12.68
C ALA B 143 4.28 33.44 -13.50
N PRO B 144 4.96 33.79 -14.57
CA PRO B 144 5.73 32.80 -15.29
C PRO B 144 6.87 32.29 -14.43
N GLY B 145 7.36 31.11 -14.75
CA GLY B 145 8.50 30.56 -14.05
C GLY B 145 8.39 29.07 -13.87
N GLN B 146 9.25 28.53 -13.01
CA GLN B 146 9.24 27.10 -12.77
C GLN B 146 8.30 26.75 -11.64
N TYR B 147 7.61 25.63 -11.83
CA TYR B 147 6.57 25.21 -10.92
C TYR B 147 6.60 23.69 -10.82
N LEU B 148 6.16 23.20 -9.64
CA LEU B 148 5.82 21.80 -9.47
C LEU B 148 4.32 21.67 -9.60
N LEU B 149 3.87 20.64 -10.29
CA LEU B 149 2.46 20.28 -10.37
C LEU B 149 2.23 19.00 -9.58
N ARG B 150 1.37 19.05 -8.58
CA ARG B 150 1.02 17.90 -7.77
C ARG B 150 -0.38 17.47 -8.14
N ALA B 151 -0.49 16.30 -8.78
CA ALA B 151 -1.77 15.70 -9.10
C ALA B 151 -2.07 14.53 -8.14
N GLU B 152 -3.33 14.44 -7.69
CA GLU B 152 -3.70 13.57 -6.60
C GLU B 152 -5.05 12.93 -6.84
N MET B 153 -5.14 11.65 -6.50
CA MET B 153 -6.42 10.98 -6.30
C MET B 153 -6.44 10.44 -4.88
N ILE B 154 -7.56 10.61 -4.20
CA ILE B 154 -7.70 10.08 -2.86
C ILE B 154 -8.77 9.01 -2.92
N ALA B 155 -8.44 7.80 -2.49
CA ALA B 155 -9.43 6.72 -2.41
C ALA B 155 -9.99 6.64 -0.97
N LEU B 156 -11.31 6.62 -0.85
CA LEU B 156 -11.98 6.73 0.45
C LEU B 156 -12.77 5.49 0.81
N HIS B 157 -12.61 4.39 0.06
CA HIS B 157 -13.37 3.19 0.35
C HIS B 157 -13.06 2.64 1.72
N ALA B 158 -11.89 2.99 2.31
CA ALA B 158 -11.51 2.43 3.60
C ALA B 158 -11.23 3.53 4.63
N ALA B 159 -11.95 4.64 4.51
CA ALA B 159 -11.60 5.85 5.23
C ALA B 159 -12.53 6.14 6.44
N SER B 160 -13.34 5.14 6.88
CA SER B 160 -14.25 5.36 7.99
C SER B 160 -13.53 5.83 9.23
N ASN B 161 -12.33 5.32 9.47
CA ASN B 161 -11.47 5.80 10.53
CA ASN B 161 -11.47 5.83 10.52
C ASN B 161 -10.20 6.34 9.88
N TYR B 162 -9.37 7.02 10.69
CA TYR B 162 -8.07 7.52 10.28
C TYR B 162 -7.00 6.84 11.13
N PRO B 163 -5.94 6.26 10.55
CA PRO B 163 -5.65 6.20 9.10
C PRO B 163 -6.59 5.30 8.37
N GLY B 164 -6.76 5.58 7.09
CA GLY B 164 -7.66 4.79 6.26
C GLY B 164 -7.73 5.32 4.86
N ALA B 165 -7.86 6.64 4.74
CA ALA B 165 -7.83 7.27 3.44
C ALA B 165 -6.49 7.02 2.75
N GLN B 166 -6.56 6.81 1.44
CA GLN B 166 -5.41 6.45 0.63
C GLN B 166 -5.08 7.55 -0.36
N PHE B 167 -3.89 8.11 -0.25
CA PHE B 167 -3.48 9.30 -1.04
C PHE B 167 -2.49 8.83 -2.07
N TYR B 168 -2.81 9.07 -3.35
CA TYR B 168 -1.95 8.75 -4.48
C TYR B 168 -1.58 10.06 -5.17
N MET B 169 -0.29 10.34 -5.25
CA MET B 169 0.12 11.62 -5.82
C MET B 169 1.48 11.53 -6.44
N GLU B 170 1.71 12.34 -7.48
CA GLU B 170 3.04 12.53 -8.04
C GLU B 170 3.20 13.99 -8.43
N CYS B 171 4.44 14.42 -8.58
CA CYS B 171 4.74 15.81 -8.95
C CYS B 171 5.43 15.86 -10.29
N ALA B 172 4.96 16.76 -11.16
CA ALA B 172 5.56 17.00 -12.45
C ALA B 172 6.29 18.34 -12.39
N GLN B 173 7.22 18.51 -13.32
CA GLN B 173 8.16 19.62 -13.35
C GLN B 173 7.84 20.50 -14.55
N LEU B 174 7.42 21.75 -14.28
CA LEU B 174 6.90 22.63 -15.32
C LEU B 174 7.70 23.92 -15.41
N ASN B 175 7.75 24.42 -16.63
CA ASN B 175 8.16 25.80 -16.92
C ASN B 175 6.96 26.48 -17.56
N VAL B 176 6.34 27.39 -16.82
CA VAL B 176 5.09 28.00 -17.23
C VAL B 176 5.45 29.31 -17.91
N VAL B 177 5.03 29.47 -19.14
CA VAL B 177 5.34 30.66 -19.90
C VAL B 177 4.05 31.37 -20.28
N GLY B 178 4.14 32.69 -20.34
CA GLY B 178 3.03 33.51 -20.79
C GLY B 178 2.05 33.87 -19.71
N GLY B 179 2.40 33.59 -18.46
CA GLY B 179 1.55 34.00 -17.38
C GLY B 179 1.63 35.50 -17.17
N THR B 180 0.48 36.10 -16.83
CA THR B 180 0.44 37.56 -16.75
C THR B 180 0.96 38.09 -15.43
N GLY B 181 1.04 37.26 -14.39
CA GLY B 181 1.51 37.76 -13.10
C GLY B 181 0.50 38.62 -12.37
N ALA B 182 -0.73 38.63 -12.84
CA ALA B 182 -1.70 39.59 -12.35
C ALA B 182 -2.17 39.26 -10.96
N LYS B 183 -2.05 38.01 -10.51
CA LYS B 183 -2.74 37.61 -9.29
C LYS B 183 -1.82 36.69 -8.50
N THR B 184 -1.74 36.94 -7.19
CA THR B 184 -0.84 36.20 -6.30
C THR B 184 -1.66 35.26 -5.42
N PRO B 185 -1.46 33.94 -5.50
CA PRO B 185 -2.30 33.04 -4.69
C PRO B 185 -1.87 33.03 -3.25
N SER B 186 -2.84 32.76 -2.36
CA SER B 186 -2.48 32.39 -1.02
C SER B 186 -2.15 30.92 -1.05
N THR B 187 -1.26 30.50 -0.15
CA THR B 187 -0.67 29.19 -0.23
C THR B 187 -0.84 28.40 1.06
N VAL B 188 -0.64 27.09 0.92
CA VAL B 188 -0.66 26.15 2.02
C VAL B 188 0.57 25.25 1.95
N SER B 189 0.75 24.45 3.00
CA SER B 189 1.91 23.58 3.12
C SER B 189 1.48 22.12 2.99
N PHE B 190 2.42 21.33 2.48
CA PHE B 190 2.34 19.87 2.52
C PHE B 190 3.65 19.39 3.10
N PRO B 191 3.64 18.69 4.24
CA PRO B 191 2.46 18.37 5.07
C PRO B 191 1.91 19.62 5.77
N GLY B 192 0.64 19.53 6.15
CA GLY B 192 -0.02 20.61 6.87
C GLY B 192 -1.42 20.93 6.41
N ALA B 193 -1.67 20.91 5.10
CA ALA B 193 -2.99 21.30 4.60
C ALA B 193 -4.09 20.26 4.90
N TYR B 194 -3.76 18.98 5.01
CA TYR B 194 -4.73 17.94 5.35
C TYR B 194 -4.54 17.53 6.78
N SER B 195 -5.65 17.17 7.44
CA SER B 195 -5.53 16.55 8.75
C SER B 195 -6.39 15.29 8.81
N GLY B 196 -6.04 14.41 9.74
CA GLY B 196 -6.74 13.16 9.87
C GLY B 196 -8.18 13.31 10.36
N SER B 197 -8.53 14.47 10.88
CA SER B 197 -9.88 14.73 11.31
C SER B 197 -10.73 15.47 10.28
N ASP B 198 -10.18 15.80 9.12
CA ASP B 198 -10.91 16.55 8.11
C ASP B 198 -12.13 15.75 7.67
N PRO B 199 -13.30 16.40 7.47
CA PRO B 199 -14.51 15.65 7.08
C PRO B 199 -14.43 14.99 5.71
N GLY B 200 -13.46 15.34 4.90
CA GLY B 200 -13.20 14.75 3.62
C GLY B 200 -12.11 13.67 3.63
N VAL B 201 -11.53 13.42 4.80
CA VAL B 201 -10.48 12.41 5.01
C VAL B 201 -10.99 11.27 5.88
N LYS B 202 -11.63 11.61 6.97
CA LYS B 202 -12.23 10.64 7.86
C LYS B 202 -13.71 10.62 7.57
N ILE B 203 -14.15 9.62 6.82
CA ILE B 203 -15.49 9.64 6.26
C ILE B 203 -15.92 8.22 5.88
N SER B 204 -17.13 7.85 6.30
CA SER B 204 -17.74 6.59 5.88
C SER B 204 -18.59 6.90 4.66
N ILE B 205 -18.20 6.42 3.48
CA ILE B 205 -18.90 6.84 2.28
C ILE B 205 -20.14 6.00 2.00
N TYR B 206 -20.31 4.85 2.64
CA TYR B 206 -21.43 3.95 2.34
C TYR B 206 -22.53 3.95 3.39
N TRP B 207 -22.19 4.22 4.64
CA TRP B 207 -23.12 4.01 5.74
C TRP B 207 -22.89 5.06 6.81
N PRO B 208 -23.77 6.07 6.92
CA PRO B 208 -24.86 6.32 5.95
C PRO B 208 -24.35 6.80 4.60
N PRO B 209 -25.13 6.59 3.54
CA PRO B 209 -24.68 7.05 2.21
C PRO B 209 -24.50 8.56 2.18
N VAL B 210 -23.45 8.98 1.54
CA VAL B 210 -23.03 10.37 1.52
CA VAL B 210 -23.03 10.38 1.52
C VAL B 210 -23.76 11.10 0.39
N THR B 211 -24.32 12.27 0.70
CA THR B 211 -24.96 13.10 -0.32
C THR B 211 -24.14 14.33 -0.70
N SER B 212 -23.20 14.73 0.16
CA SER B 212 -22.32 15.87 -0.10
C SER B 212 -20.92 15.54 0.38
N TYR B 213 -19.89 15.99 -0.36
CA TYR B 213 -18.52 15.70 -0.01
C TYR B 213 -17.71 16.98 -0.01
N THR B 214 -16.96 17.21 1.05
CA THR B 214 -16.08 18.37 1.15
C THR B 214 -14.63 17.97 0.85
N VAL B 215 -14.15 18.42 -0.31
CA VAL B 215 -12.76 18.11 -0.70
C VAL B 215 -11.81 18.77 0.28
N PRO B 216 -10.83 18.06 0.80
CA PRO B 216 -9.90 18.69 1.74
C PRO B 216 -8.99 19.71 1.03
N GLY B 217 -8.31 20.50 1.84
CA GLY B 217 -7.44 21.55 1.37
C GLY B 217 -8.15 22.87 1.17
N PRO B 218 -7.41 23.83 0.64
CA PRO B 218 -7.94 25.19 0.40
C PRO B 218 -8.89 25.25 -0.79
N SER B 219 -9.54 26.41 -0.90
CA SER B 219 -10.42 26.67 -2.03
CA SER B 219 -10.42 26.67 -2.02
C SER B 219 -9.61 26.76 -3.31
N VAL B 220 -10.27 26.51 -4.41
CA VAL B 220 -9.62 26.53 -5.71
C VAL B 220 -9.26 27.96 -6.04
N PHE B 221 -8.01 28.15 -6.43
CA PHE B 221 -7.56 29.44 -6.93
C PHE B 221 -8.13 29.71 -8.30
N THR B 222 -8.66 30.90 -8.47
CA THR B 222 -9.19 31.35 -9.77
C THR B 222 -8.71 32.75 -10.11
N CYS B 223 -8.60 32.98 -11.39
CA CYS B 223 -8.22 34.29 -11.90
C CYS B 223 -9.44 35.18 -11.93
#